data_6HMR
#
_entry.id   6HMR
#
_cell.length_a   48.880
_cell.length_b   74.036
_cell.length_c   89.485
_cell.angle_alpha   90.00
_cell.angle_beta   102.82
_cell.angle_gamma   90.00
#
_symmetry.space_group_name_H-M   'P 1 21 1'
#
loop_
_entity.id
_entity.type
_entity.pdbx_description
1 polymer 'Casein kinase I isoform delta'
2 non-polymer 3-(2,5-dimethoxyphenyl)-~{N}-[4-[4-(4-fluorophenyl)-2-[(~{E})-phenyldiazenyl]-1,3-thiazol-5-yl]pyridin-2-yl]propanamide
3 non-polymer 'MALONIC ACID'
4 water water
#
_entity_poly.entity_id   1
_entity_poly.type   'polypeptide(L)'
_entity_poly.pdbx_seq_one_letter_code
;MGSSHHHHHHSSGLVPRGSHMELRVGNRYRLGRKIGSGSFGDIYLGTDIAAGEEVAIKLECVKTKHPQLHIESKIYKMMQ
GGVGIPTIRWCGAEGDYNVMVMELLGPSLEDLFNFCSRKFSLKTVLLLADQMISRIEYIHSKNFIHRDVKPDNFLMGLGK
KGNLVYIIDFGLAKKYRDARTHQHIPYRENKNLTGTARYASINTHLGIEQSRRDDLESLGYVLMYFNLGSLPWQGLKAAT
KRQKYERISEKKMSTPIEVLCKGYPSEFATYLNFCRSLRFDDKPDYSYLRQLFRNLFHRQGFSYDYVFDWNMLK
;
_entity_poly.pdbx_strand_id   A,B
#
loop_
_chem_comp.id
_chem_comp.type
_chem_comp.name
_chem_comp.formula
GE5 non-polymer 3-(2,5-dimethoxyphenyl)-~{N}-[4-[4-(4-fluorophenyl)-2-[(~{E})-phenyldiazenyl]-1,3-thiazol-5-yl]pyridin-2-yl]propanamide 'C31 H26 F N5 O3 S'
MLA non-polymer 'MALONIC ACID' 'C3 H4 O4'
#
# COMPACT_ATOMS: atom_id res chain seq x y z
N ASN A 27 -12.54 19.97 7.68
CA ASN A 27 -13.79 19.76 6.96
C ASN A 27 -14.31 21.08 6.39
N ARG A 28 -13.78 22.19 6.89
CA ARG A 28 -14.05 23.52 6.36
C ARG A 28 -12.73 24.25 6.23
N TYR A 29 -12.47 24.81 5.05
CA TYR A 29 -11.13 25.12 4.59
C TYR A 29 -10.94 26.60 4.33
N ARG A 30 -9.81 27.11 4.79
CA ARG A 30 -9.38 28.48 4.55
C ARG A 30 -8.31 28.51 3.48
N LEU A 31 -8.53 29.31 2.44
CA LEU A 31 -7.60 29.40 1.31
C LEU A 31 -6.50 30.40 1.63
N GLY A 32 -5.25 29.98 1.47
CA GLY A 32 -4.11 30.84 1.65
C GLY A 32 -3.49 31.33 0.34
N ARG A 33 -2.16 31.44 0.34
CA ARG A 33 -1.45 32.01 -0.79
C ARG A 33 -1.42 31.02 -1.95
N LYS A 34 -1.50 31.57 -3.17
CA LYS A 34 -1.29 30.77 -4.38
C LYS A 34 0.18 30.41 -4.49
N ILE A 35 0.45 29.13 -4.73
CA ILE A 35 1.82 28.63 -4.83
C ILE A 35 2.19 28.21 -6.24
N GLY A 36 1.27 28.24 -7.18
CA GLY A 36 1.58 27.88 -8.54
C GLY A 36 0.35 27.39 -9.25
N SER A 37 0.58 26.70 -10.37
N SER A 37 0.58 26.69 -10.36
CA SER A 37 -0.51 26.16 -11.16
CA SER A 37 -0.51 26.17 -11.18
C SER A 37 -0.17 24.73 -11.56
C SER A 37 -0.18 24.74 -11.58
N GLY A 38 -1.16 23.85 -11.47
CA GLY A 38 -1.04 22.49 -11.95
C GLY A 38 -1.31 22.40 -13.44
N SER A 39 -1.76 21.24 -13.89
CA SER A 39 -2.04 21.05 -15.32
C SER A 39 -3.23 21.89 -15.78
N PHE A 40 -4.30 21.94 -14.99
CA PHE A 40 -5.53 22.65 -15.37
C PHE A 40 -6.15 23.39 -14.18
N GLY A 41 -5.33 24.09 -13.42
CA GLY A 41 -5.88 24.84 -12.31
C GLY A 41 -4.78 25.44 -11.49
N ASP A 42 -5.19 26.28 -10.55
CA ASP A 42 -4.25 26.95 -9.68
C ASP A 42 -4.18 26.22 -8.35
N ILE A 43 -2.98 26.21 -7.78
CA ILE A 43 -2.68 25.48 -6.55
C ILE A 43 -2.49 26.50 -5.43
N TYR A 44 -3.04 26.20 -4.27
CA TYR A 44 -3.00 27.09 -3.13
C TYR A 44 -2.61 26.32 -1.89
N LEU A 45 -1.93 27.00 -0.98
CA LEU A 45 -1.86 26.55 0.40
C LEU A 45 -3.13 26.96 1.09
N GLY A 46 -3.56 26.12 2.02
CA GLY A 46 -4.76 26.39 2.79
C GLY A 46 -4.61 25.77 4.15
N THR A 47 -5.64 25.95 4.96
N THR A 47 -5.65 25.91 4.95
CA THR A 47 -5.71 25.40 6.30
CA THR A 47 -5.63 25.32 6.28
C THR A 47 -7.08 24.74 6.46
C THR A 47 -7.02 24.82 6.62
N ASP A 48 -7.09 23.57 7.10
CA ASP A 48 -8.30 22.99 7.65
C ASP A 48 -8.37 23.58 9.06
N ILE A 49 -9.21 24.61 9.22
CA ILE A 49 -9.20 25.44 10.44
C ILE A 49 -9.37 24.60 11.68
N ALA A 50 -10.15 23.54 11.61
CA ALA A 50 -10.33 22.73 12.81
C ALA A 50 -9.05 22.01 13.18
N ALA A 51 -8.25 21.56 12.19
CA ALA A 51 -7.06 20.76 12.45
C ALA A 51 -5.73 21.19 11.80
N GLU A 53 -5.59 21.10 10.46
CA GLU A 53 -4.30 20.87 9.79
C GLU A 53 -4.11 21.72 8.53
N GLU A 54 -2.87 21.81 8.05
N GLU A 54 -2.87 21.82 8.08
CA GLU A 54 -2.57 22.53 6.82
CA GLU A 54 -2.57 22.48 6.81
C GLU A 54 -2.73 21.59 5.62
C GLU A 54 -2.89 21.55 5.65
N VAL A 55 -3.22 22.14 4.50
CA VAL A 55 -3.60 21.36 3.32
C VAL A 55 -3.14 22.08 2.05
N ALA A 56 -3.23 21.38 0.91
CA ALA A 56 -3.02 21.97 -0.40
C ALA A 56 -4.33 21.92 -1.18
N ILE A 57 -4.63 22.98 -1.93
CA ILE A 57 -5.94 23.15 -2.54
C ILE A 57 -5.78 23.49 -4.02
N LYS A 58 -6.48 22.75 -4.87
CA LYS A 58 -6.51 22.98 -6.31
C LYS A 58 -7.89 23.48 -6.70
N LEU A 59 -7.95 24.58 -7.45
CA LEU A 59 -9.20 25.21 -7.83
C LEU A 59 -9.38 25.16 -9.34
N GLU A 60 -10.63 24.94 -9.75
CA GLU A 60 -11.01 24.97 -11.16
C GLU A 60 -12.27 25.82 -11.28
N CYS A 61 -12.28 26.74 -12.23
CA CYS A 61 -13.47 27.53 -12.50
C CYS A 61 -14.62 26.60 -12.86
N VAL A 62 -15.75 26.76 -12.16
CA VAL A 62 -16.85 25.83 -12.39
C VAL A 62 -17.48 26.04 -13.75
N LYS A 63 -17.33 27.23 -14.35
CA LYS A 63 -17.91 27.50 -15.66
C LYS A 63 -16.95 27.14 -16.80
N THR A 64 -15.84 26.48 -16.51
CA THR A 64 -14.88 26.18 -17.57
C THR A 64 -15.52 25.34 -18.66
N LYS A 65 -15.07 25.58 -19.90
CA LYS A 65 -15.56 24.84 -21.04
C LYS A 65 -15.08 23.39 -21.07
N HIS A 66 -14.00 23.07 -20.35
CA HIS A 66 -13.42 21.73 -20.33
C HIS A 66 -13.18 21.28 -18.90
N PRO A 67 -14.24 21.04 -18.15
CA PRO A 67 -14.06 20.63 -16.75
C PRO A 67 -13.29 19.33 -16.66
N GLN A 68 -12.40 19.25 -15.67
CA GLN A 68 -11.51 18.10 -15.57
C GLN A 68 -11.21 17.74 -14.12
N LEU A 69 -11.45 18.67 -13.20
CA LEU A 69 -11.03 18.42 -11.81
C LEU A 69 -11.71 17.18 -11.24
N HIS A 70 -12.99 16.98 -11.52
CA HIS A 70 -13.66 15.80 -10.99
C HIS A 70 -13.15 14.53 -11.64
N ILE A 71 -12.77 14.61 -12.91
CA ILE A 71 -12.14 13.46 -13.57
C ILE A 71 -10.85 13.11 -12.86
N GLU A 72 -10.02 14.11 -12.60
CA GLU A 72 -8.76 13.86 -11.91
C GLU A 72 -8.99 13.30 -10.52
N SER A 73 -10.02 13.79 -9.82
N SER A 73 -10.00 13.81 -9.81
CA SER A 73 -10.29 13.26 -8.48
CA SER A 73 -10.33 13.29 -8.49
C SER A 73 -10.64 11.78 -8.53
C SER A 73 -10.62 11.79 -8.55
N LYS A 74 -11.32 11.34 -9.58
CA LYS A 74 -11.65 9.92 -9.68
C LYS A 74 -10.43 9.07 -9.97
N ILE A 75 -9.45 9.63 -10.68
CA ILE A 75 -8.20 8.90 -10.90
C ILE A 75 -7.41 8.78 -9.60
N TYR A 76 -7.31 9.88 -8.85
CA TYR A 76 -6.68 9.79 -7.52
C TYR A 76 -7.35 8.74 -6.68
N LYS A 77 -8.69 8.67 -6.75
CA LYS A 77 -9.42 7.67 -5.99
C LYS A 77 -9.06 6.26 -6.44
N MET A 78 -8.96 6.03 -7.76
CA MET A 78 -8.56 4.71 -8.26
C MET A 78 -7.16 4.35 -7.80
N MET A 79 -6.28 5.33 -7.68
CA MET A 79 -4.90 5.13 -7.25
C MET A 79 -4.74 4.98 -5.73
N GLN A 80 -5.79 5.24 -4.96
CA GLN A 80 -5.66 5.36 -3.52
C GLN A 80 -5.04 4.12 -2.89
N GLY A 81 -4.20 4.33 -1.89
CA GLY A 81 -3.58 3.24 -1.17
C GLY A 81 -2.24 2.82 -1.71
N GLY A 82 -1.87 3.29 -2.90
CA GLY A 82 -0.55 2.98 -3.41
C GLY A 82 0.52 3.74 -2.65
N VAL A 83 1.70 3.14 -2.59
CA VAL A 83 2.85 3.82 -2.02
C VAL A 83 3.10 5.10 -2.81
N GLY A 84 3.22 6.21 -2.10
CA GLY A 84 3.56 7.46 -2.76
C GLY A 84 2.44 8.07 -3.55
N ILE A 85 1.20 7.68 -3.28
CA ILE A 85 0.03 8.25 -3.92
C ILE A 85 -0.63 9.20 -2.90
N PRO A 86 -0.78 10.46 -3.22
CA PRO A 86 -1.35 11.38 -2.23
C PRO A 86 -2.80 11.08 -1.94
N THR A 87 -3.21 11.46 -0.73
CA THR A 87 -4.59 11.29 -0.28
C THR A 87 -5.40 12.56 -0.51
N ILE A 88 -6.60 12.38 -1.03
CA ILE A 88 -7.49 13.51 -1.27
C ILE A 88 -8.42 13.58 -0.07
N ARG A 89 -8.58 14.77 0.47
CA ARG A 89 -9.38 14.93 1.66
C ARG A 89 -10.81 15.32 1.35
N TRP A 90 -11.02 16.10 0.30
CA TRP A 90 -12.38 16.50 -0.03
C TRP A 90 -12.36 17.05 -1.44
N CYS A 91 -13.36 16.68 -2.23
CA CYS A 91 -13.61 17.30 -3.52
C CYS A 91 -15.06 17.73 -3.62
N GLY A 92 -15.29 18.91 -4.18
CA GLY A 92 -16.65 19.41 -4.34
C GLY A 92 -16.66 20.80 -4.95
N ALA A 93 -17.83 21.42 -4.96
CA ALA A 93 -18.01 22.75 -5.52
C ALA A 93 -18.28 23.75 -4.40
N GLU A 94 -17.70 24.94 -4.52
CA GLU A 94 -17.94 26.08 -3.65
C GLU A 94 -17.90 27.35 -4.46
N GLY A 95 -18.96 28.13 -4.43
CA GLY A 95 -18.94 29.40 -5.14
C GLY A 95 -18.71 29.22 -6.63
N ASP A 96 -17.65 29.85 -7.14
CA ASP A 96 -17.35 29.82 -8.57
C ASP A 96 -16.29 28.77 -8.92
N TYR A 97 -16.00 27.83 -8.03
CA TYR A 97 -14.89 26.90 -8.24
C TYR A 97 -15.31 25.48 -7.94
N ASN A 98 -14.72 24.54 -8.67
CA ASN A 98 -14.61 23.17 -8.22
C ASN A 98 -13.33 23.08 -7.38
N VAL A 99 -13.40 22.33 -6.28
CA VAL A 99 -12.33 22.35 -5.28
C VAL A 99 -11.86 20.93 -4.98
N MET A 100 -10.55 20.74 -4.96
CA MET A 100 -9.97 19.48 -4.49
C MET A 100 -8.94 19.81 -3.41
N VAL A 101 -9.09 19.16 -2.27
CA VAL A 101 -8.21 19.37 -1.12
C VAL A 101 -7.36 18.13 -0.95
N MET A 102 -6.05 18.32 -0.83
CA MET A 102 -5.08 17.25 -0.71
C MET A 102 -4.30 17.38 0.59
N GLU A 103 -3.87 16.23 1.12
CA GLU A 103 -2.93 16.23 2.24
C GLU A 103 -1.68 17.02 1.85
N LEU A 104 -1.16 17.81 2.78
CA LEU A 104 0.01 18.60 2.45
C LEU A 104 1.23 17.70 2.32
N LEU A 105 1.97 17.89 1.25
CA LEU A 105 3.22 17.21 0.98
C LEU A 105 4.37 18.19 1.07
N GLY A 106 5.59 17.66 1.03
CA GLY A 106 6.79 18.45 1.13
C GLY A 106 7.20 19.03 -0.21
N PRO A 107 8.44 19.50 -0.29
CA PRO A 107 8.90 20.19 -1.50
C PRO A 107 8.97 19.26 -2.71
N SER A 108 8.84 19.84 -3.90
CA SER A 108 9.02 19.07 -5.11
C SER A 108 10.49 18.79 -5.34
N LEU A 109 10.78 17.85 -6.25
CA LEU A 109 12.18 17.56 -6.54
C LEU A 109 12.87 18.73 -7.23
N GLU A 110 12.12 19.57 -7.95
CA GLU A 110 12.71 20.79 -8.50
C GLU A 110 13.05 21.76 -7.40
N ASP A 111 12.14 21.94 -6.43
CA ASP A 111 12.45 22.78 -5.27
C ASP A 111 13.69 22.26 -4.57
N LEU A 112 13.74 20.96 -4.31
CA LEU A 112 14.88 20.41 -3.57
C LEU A 112 16.17 20.52 -4.38
N PHE A 113 16.08 20.34 -5.70
CA PHE A 113 17.23 20.54 -6.56
C PHE A 113 17.80 21.94 -6.37
N ASN A 114 16.93 22.96 -6.37
CA ASN A 114 17.41 24.31 -6.14
C ASN A 114 18.01 24.47 -4.75
N PHE A 115 17.38 23.87 -3.75
CA PHE A 115 17.88 23.99 -2.39
C PHE A 115 19.24 23.33 -2.24
N CYS A 116 19.50 22.31 -3.06
CA CYS A 116 20.78 21.61 -3.08
C CYS A 116 21.76 22.18 -4.10
N SER A 117 21.61 23.46 -4.46
CA SER A 117 22.52 24.16 -5.35
C SER A 117 22.52 23.58 -6.76
N ARG A 118 21.38 23.01 -7.16
CA ARG A 118 21.17 22.49 -8.51
C ARG A 118 22.24 21.46 -8.88
N LYS A 119 22.62 20.66 -7.89
CA LYS A 119 23.47 19.49 -8.08
C LYS A 119 23.04 18.43 -7.08
N PHE A 120 22.79 17.24 -7.58
CA PHE A 120 22.51 16.08 -6.75
C PHE A 120 23.68 15.12 -6.84
N SER A 121 24.05 14.52 -5.71
CA SER A 121 25.03 13.45 -5.72
C SER A 121 24.47 12.24 -6.46
N LEU A 122 25.37 11.41 -6.97
CA LEU A 122 24.93 10.19 -7.63
C LEU A 122 24.05 9.36 -6.71
N LYS A 123 24.39 9.31 -5.42
CA LYS A 123 23.60 8.51 -4.49
C LYS A 123 22.15 8.99 -4.48
N THR A 124 21.94 10.29 -4.40
CA THR A 124 20.58 10.82 -4.38
C THR A 124 19.85 10.54 -5.69
N VAL A 125 20.52 10.68 -6.82
CA VAL A 125 19.88 10.39 -8.11
C VAL A 125 19.42 8.93 -8.14
N LEU A 126 20.25 8.02 -7.67
CA LEU A 126 19.90 6.60 -7.71
C LEU A 126 18.78 6.26 -6.74
N LEU A 127 18.80 6.84 -5.53
CA LEU A 127 17.69 6.68 -4.60
C LEU A 127 16.38 7.18 -5.20
N LEU A 128 16.42 8.33 -5.86
CA LEU A 128 15.23 8.88 -6.50
C LEU A 128 14.78 8.01 -7.66
N ALA A 129 15.74 7.53 -8.47
CA ALA A 129 15.40 6.71 -9.61
C ALA A 129 14.61 5.47 -9.20
N ASP A 130 15.03 4.81 -8.12
CA ASP A 130 14.37 3.58 -7.70
C ASP A 130 12.91 3.83 -7.38
N GLN A 131 12.63 4.89 -6.62
CA GLN A 131 11.25 5.16 -6.25
C GLN A 131 10.45 5.67 -7.44
N MET A 132 11.03 6.52 -8.27
CA MET A 132 10.26 7.09 -9.36
C MET A 132 9.83 6.02 -10.36
N ILE A 133 10.71 5.04 -10.65
CA ILE A 133 10.32 3.94 -11.51
C ILE A 133 9.15 3.20 -10.90
N SER A 134 9.18 3.02 -9.58
CA SER A 134 8.11 2.31 -8.91
C SER A 134 6.80 3.09 -8.96
N ARG A 135 6.86 4.44 -8.84
CA ARG A 135 5.62 5.20 -8.92
C ARG A 135 4.99 5.07 -10.29
N ILE A 136 5.81 5.12 -11.33
CA ILE A 136 5.31 4.98 -12.68
C ILE A 136 4.75 3.60 -12.89
N GLU A 137 5.45 2.57 -12.42
CA GLU A 137 4.92 1.21 -12.53
C GLU A 137 3.56 1.09 -11.89
N TYR A 138 3.41 1.68 -10.71
CA TYR A 138 2.15 1.60 -10.00
C TYR A 138 1.01 2.21 -10.81
N ILE A 139 1.23 3.42 -11.34
CA ILE A 139 0.20 4.08 -12.15
C ILE A 139 -0.15 3.21 -13.36
N HIS A 140 0.87 2.66 -14.02
CA HIS A 140 0.64 1.78 -15.15
C HIS A 140 -0.14 0.53 -14.74
N SER A 141 0.11 0.03 -13.54
CA SER A 141 -0.64 -1.14 -13.10
C SER A 141 -2.11 -0.83 -12.90
N LYS A 142 -2.47 0.43 -12.66
CA LYS A 142 -3.87 0.82 -12.53
C LYS A 142 -4.47 1.30 -13.84
N ASN A 143 -3.79 1.07 -14.96
CA ASN A 143 -4.30 1.22 -16.32
C ASN A 143 -4.12 2.61 -16.91
N PHE A 144 -3.32 3.45 -16.27
CA PHE A 144 -3.12 4.81 -16.74
C PHE A 144 -1.66 5.08 -17.06
N ILE A 145 -1.45 6.02 -17.99
CA ILE A 145 -0.15 6.61 -18.18
C ILE A 145 -0.24 8.05 -17.69
N HIS A 146 0.89 8.57 -17.20
CA HIS A 146 0.89 9.87 -16.54
C HIS A 146 0.98 11.00 -17.56
N ARG A 147 1.95 10.92 -18.48
CA ARG A 147 2.15 11.80 -19.63
C ARG A 147 2.74 13.15 -19.31
N ASP A 148 3.19 13.42 -18.08
CA ASP A 148 3.90 14.66 -17.79
C ASP A 148 4.88 14.43 -16.65
N VAL A 149 5.73 13.42 -16.81
CA VAL A 149 6.79 13.10 -15.85
C VAL A 149 7.83 14.22 -15.88
N LYS A 150 8.00 14.90 -14.74
CA LYS A 150 8.94 16.01 -14.61
C LYS A 150 9.18 16.25 -13.13
N PRO A 151 10.27 16.95 -12.78
CA PRO A 151 10.62 17.09 -11.35
C PRO A 151 9.53 17.75 -10.53
N ASP A 152 8.78 18.70 -11.10
CA ASP A 152 7.73 19.41 -10.39
C ASP A 152 6.59 18.51 -9.95
N ASN A 153 6.45 17.34 -10.58
CA ASN A 153 5.35 16.44 -10.27
C ASN A 153 5.76 15.31 -9.35
N PHE A 154 6.91 15.40 -8.71
CA PHE A 154 7.31 14.48 -7.66
C PHE A 154 7.61 15.33 -6.43
N LEU A 155 6.97 14.98 -5.30
CA LEU A 155 7.08 15.73 -4.07
C LEU A 155 7.48 14.75 -2.97
N MET A 156 8.39 15.17 -2.08
CA MET A 156 8.66 14.35 -0.91
C MET A 156 7.53 14.47 0.11
N GLY A 157 7.33 13.40 0.88
CA GLY A 157 6.39 13.42 1.97
C GLY A 157 6.92 14.23 3.13
N LEU A 158 6.11 14.30 4.17
CA LEU A 158 6.42 14.98 5.41
C LEU A 158 6.36 14.01 6.59
N GLY A 159 7.04 14.37 7.67
CA GLY A 159 7.00 13.59 8.90
C GLY A 159 7.48 12.17 8.68
N LYS A 160 6.67 11.20 9.08
CA LYS A 160 7.08 9.80 8.92
C LYS A 160 7.15 9.36 7.47
N LYS A 161 6.67 10.16 6.53
CA LYS A 161 6.77 9.85 5.11
C LYS A 161 7.84 10.68 4.42
N GLY A 162 8.76 11.28 5.18
CA GLY A 162 9.74 12.19 4.62
C GLY A 162 10.72 11.55 3.67
N ASN A 163 10.86 10.23 3.69
CA ASN A 163 11.76 9.54 2.77
C ASN A 163 11.04 8.98 1.57
N LEU A 164 9.75 9.27 1.43
CA LEU A 164 8.92 8.72 0.38
C LEU A 164 8.71 9.75 -0.73
N VAL A 165 8.95 9.35 -1.97
CA VAL A 165 8.68 10.17 -3.14
C VAL A 165 7.23 9.96 -3.56
N TYR A 166 6.46 11.03 -3.62
CA TYR A 166 5.09 10.98 -4.12
C TYR A 166 5.05 11.47 -5.55
N ILE A 167 4.10 10.96 -6.32
CA ILE A 167 3.83 11.45 -7.66
C ILE A 167 2.49 12.17 -7.64
N ILE A 168 2.43 13.32 -8.34
CA ILE A 168 1.20 14.09 -8.38
C ILE A 168 0.81 14.43 -9.82
N ASP A 169 -0.44 14.86 -9.94
CA ASP A 169 -1.05 15.52 -11.09
C ASP A 169 -1.43 14.53 -12.18
N PHE A 170 -2.72 14.20 -12.23
CA PHE A 170 -3.25 13.31 -13.25
C PHE A 170 -4.07 14.06 -14.26
N GLY A 171 -3.86 15.38 -14.34
CA GLY A 171 -4.63 16.19 -15.27
C GLY A 171 -4.37 15.86 -16.74
N LEU A 172 -3.20 15.32 -17.06
CA LEU A 172 -2.89 14.89 -18.41
C LEU A 172 -2.88 13.38 -18.54
N ALA A 173 -3.25 12.68 -17.48
CA ALA A 173 -3.19 11.22 -17.50
C ALA A 173 -4.30 10.66 -18.38
N LYS A 174 -4.07 9.46 -18.88
CA LYS A 174 -4.96 8.81 -19.83
C LYS A 174 -4.90 7.31 -19.58
N LYS A 175 -6.04 6.67 -19.74
CA LYS A 175 -6.09 5.22 -19.69
C LYS A 175 -5.50 4.66 -20.98
N TYR A 176 -4.51 3.77 -20.86
CA TYR A 176 -3.86 3.18 -22.04
C TYR A 176 -4.33 1.75 -22.34
N ARG A 177 -5.09 1.14 -21.44
CA ARG A 177 -5.63 -0.21 -21.69
C ARG A 177 -6.98 -0.33 -21.02
N ASP A 178 -7.80 -1.22 -21.56
CA ASP A 178 -9.14 -1.45 -21.03
C ASP A 178 -9.07 -2.16 -19.70
N ALA A 179 -9.89 -1.70 -18.74
CA ALA A 179 -9.85 -2.22 -17.38
C ALA A 179 -10.26 -3.70 -17.32
N ARG A 180 -11.11 -4.15 -18.24
CA ARG A 180 -11.57 -5.54 -18.20
C ARG A 180 -10.68 -6.45 -19.05
N THR A 181 -10.44 -6.07 -20.30
CA THR A 181 -9.71 -6.91 -21.24
C THR A 181 -8.21 -6.59 -21.31
N HIS A 182 -7.80 -5.44 -20.80
CA HIS A 182 -6.42 -4.95 -20.92
C HIS A 182 -6.00 -4.75 -22.38
N GLN A 183 -6.96 -4.66 -23.28
CA GLN A 183 -6.67 -4.28 -24.66
C GLN A 183 -6.06 -2.88 -24.68
N HIS A 184 -4.89 -2.77 -25.31
CA HIS A 184 -4.13 -1.53 -25.36
C HIS A 184 -4.77 -0.56 -26.35
N ILE A 185 -4.64 0.73 -26.08
CA ILE A 185 -5.15 1.75 -27.01
C ILE A 185 -4.42 1.63 -28.34
N PRO A 186 -4.99 2.10 -29.45
CA PRO A 186 -4.35 1.94 -30.76
C PRO A 186 -3.24 2.95 -31.00
N TYR A 187 -2.37 2.60 -31.94
CA TYR A 187 -1.31 3.50 -32.36
C TYR A 187 -1.90 4.68 -33.13
N ARG A 188 -1.41 5.89 -32.84
CA ARG A 188 -1.89 7.09 -33.50
C ARG A 188 -0.71 8.02 -33.78
N GLU A 189 -0.84 8.80 -34.85
CA GLU A 189 0.22 9.67 -35.34
C GLU A 189 -0.31 11.11 -35.42
N ASN A 190 0.62 12.05 -35.65
CA ASN A 190 0.30 13.46 -35.88
C ASN A 190 -0.40 14.09 -34.68
N LYS A 191 -0.07 13.63 -33.48
CA LYS A 191 -0.66 14.18 -32.28
C LYS A 191 0.13 15.40 -31.80
N ASN A 192 -0.59 16.35 -31.23
CA ASN A 192 0.03 17.53 -30.66
C ASN A 192 0.79 17.15 -29.40
N LEU A 193 1.89 17.85 -29.15
CA LEU A 193 2.71 17.51 -28.00
C LEU A 193 1.94 17.77 -26.70
N THR A 194 1.76 16.72 -25.93
CA THR A 194 1.11 16.78 -24.63
C THR A 194 2.18 16.66 -23.56
N GLY A 195 2.23 17.66 -22.68
CA GLY A 195 3.15 17.69 -21.57
C GLY A 195 4.20 18.77 -21.67
N THR A 196 5.34 18.52 -21.05
CA THR A 196 6.42 19.49 -20.99
C THR A 196 7.45 19.12 -22.04
N ALA A 197 7.77 20.08 -22.92
CA ALA A 197 8.66 19.76 -24.04
C ALA A 197 10.02 19.31 -23.53
N ARG A 198 10.50 19.91 -22.44
CA ARG A 198 11.87 19.60 -22.01
C ARG A 198 12.05 18.11 -21.78
N TYR A 199 11.05 17.43 -21.23
CA TYR A 199 11.21 16.02 -20.88
C TYR A 199 10.46 15.07 -21.80
N ALA A 200 9.81 15.56 -22.84
CA ALA A 200 8.99 14.72 -23.70
C ALA A 200 9.85 13.68 -24.43
N SER A 201 9.25 12.51 -24.67
CA SER A 201 9.95 11.49 -25.43
C SER A 201 10.12 11.90 -26.88
N ILE A 202 11.08 11.28 -27.56
CA ILE A 202 11.29 11.56 -28.99
C ILE A 202 10.01 11.24 -29.76
N ASN A 203 9.38 10.10 -29.45
CA ASN A 203 8.18 9.71 -30.17
C ASN A 203 7.03 10.68 -29.92
N THR A 204 6.95 11.27 -28.71
CA THR A 204 5.95 12.32 -28.48
C THR A 204 6.21 13.52 -29.40
N HIS A 205 7.47 13.96 -29.51
CA HIS A 205 7.81 15.00 -30.46
C HIS A 205 7.43 14.63 -31.89
N LEU A 206 7.53 13.36 -32.25
CA LEU A 206 7.20 12.95 -33.60
C LEU A 206 5.71 12.72 -33.79
N GLY A 207 4.90 13.02 -32.77
CA GLY A 207 3.46 13.00 -32.89
C GLY A 207 2.81 11.66 -32.61
N ILE A 208 3.52 10.74 -32.02
CA ILE A 208 2.99 9.41 -31.76
C ILE A 208 2.23 9.43 -30.44
N GLU A 209 1.09 8.74 -30.42
CA GLU A 209 0.36 8.49 -29.19
C GLU A 209 1.30 8.04 -28.07
N GLN A 210 1.16 8.63 -26.88
CA GLN A 210 2.03 8.23 -25.78
C GLN A 210 1.55 6.90 -25.20
N SER A 211 2.50 6.11 -24.69
CA SER A 211 2.17 4.86 -24.01
C SER A 211 3.13 4.71 -22.82
N ARG A 212 3.17 3.51 -22.22
CA ARG A 212 3.96 3.32 -21.01
C ARG A 212 5.42 3.67 -21.23
N ARG A 213 5.98 3.31 -22.38
CA ARG A 213 7.39 3.55 -22.63
C ARG A 213 7.74 5.02 -22.51
N ASP A 214 6.81 5.91 -22.84
CA ASP A 214 7.13 7.33 -22.90
C ASP A 214 7.26 7.92 -21.49
N ASP A 215 6.44 7.49 -20.53
CA ASP A 215 6.62 7.91 -19.14
C ASP A 215 8.03 7.59 -18.67
N LEU A 216 8.51 6.40 -19.00
CA LEU A 216 9.82 5.98 -18.52
C LEU A 216 10.95 6.71 -19.24
N GLU A 217 10.78 6.96 -20.53
CA GLU A 217 11.79 7.74 -21.24
C GLU A 217 11.92 9.14 -20.67
N SER A 218 10.78 9.79 -20.40
CA SER A 218 10.81 11.10 -19.76
C SER A 218 11.58 11.05 -18.45
N LEU A 219 11.36 10.01 -17.64
CA LEU A 219 12.09 9.87 -16.38
C LEU A 219 13.58 9.81 -16.64
N GLY A 220 13.98 9.13 -17.72
CA GLY A 220 15.39 9.10 -18.07
C GLY A 220 15.95 10.49 -18.33
N TYR A 221 15.20 11.35 -19.01
CA TYR A 221 15.65 12.72 -19.19
C TYR A 221 15.67 13.47 -17.85
N VAL A 222 14.72 13.19 -16.97
CA VAL A 222 14.71 13.85 -15.66
C VAL A 222 15.96 13.49 -14.88
N LEU A 223 16.35 12.21 -14.90
CA LEU A 223 17.54 11.79 -14.18
C LEU A 223 18.80 12.45 -14.75
N MET A 224 18.89 12.54 -16.08
CA MET A 224 20.07 13.18 -16.65
C MET A 224 20.05 14.69 -16.39
N TYR A 225 18.86 15.28 -16.29
CA TYR A 225 18.74 16.66 -15.87
C TYR A 225 19.31 16.87 -14.47
N PHE A 226 18.99 15.97 -13.53
CA PHE A 226 19.54 16.05 -12.19
C PHE A 226 21.07 15.90 -12.22
N ASN A 227 21.58 15.02 -13.08
CA ASN A 227 23.02 14.83 -13.19
C ASN A 227 23.72 16.09 -13.72
N LEU A 228 23.15 16.71 -14.76
CA LEU A 228 23.81 17.76 -15.53
C LEU A 228 23.52 19.17 -15.04
N GLY A 229 22.36 19.40 -14.43
CA GLY A 229 21.88 20.73 -14.10
C GLY A 229 21.04 21.37 -15.18
N SER A 230 21.13 20.86 -16.41
CA SER A 230 20.33 21.33 -17.53
C SER A 230 20.46 20.30 -18.63
N LEU A 231 19.51 20.28 -19.50
CA LEU A 231 19.60 19.42 -20.68
C LEU A 231 20.01 20.24 -21.90
N PRO A 232 20.70 19.63 -22.87
CA PRO A 232 21.24 20.41 -24.00
C PRO A 232 20.18 20.99 -24.94
N TRP A 233 18.92 20.57 -24.86
CA TRP A 233 17.87 21.16 -25.66
C TRP A 233 17.12 22.26 -24.91
N GLN A 234 17.66 22.75 -23.81
CA GLN A 234 17.14 23.96 -23.18
C GLN A 234 17.75 25.19 -23.83
N GLY A 235 16.97 26.25 -23.89
CA GLY A 235 17.49 27.53 -24.34
C GLY A 235 17.72 27.65 -25.83
N LEU A 236 17.06 26.84 -26.65
CA LEU A 236 17.16 26.98 -28.09
C LEU A 236 16.25 28.11 -28.56
N LYS A 237 16.69 28.79 -29.63
CA LYS A 237 15.93 29.89 -30.19
C LYS A 237 15.01 29.42 -31.32
N ALA A 238 13.88 30.10 -31.45
CA ALA A 238 12.91 29.89 -32.52
C ALA A 238 11.97 31.09 -32.54
N ALA A 239 11.00 31.06 -33.46
CA ALA A 239 10.03 32.15 -33.61
C ALA A 239 8.71 31.84 -32.92
N THR A 240 8.03 30.78 -33.34
CA THR A 240 6.75 30.39 -32.76
C THR A 240 6.92 29.15 -31.90
N LYS A 241 5.91 28.86 -31.07
CA LYS A 241 5.98 27.70 -30.19
C LYS A 241 6.01 26.40 -30.99
N ARG A 242 5.37 26.39 -32.17
CA ARG A 242 5.43 25.21 -33.03
C ARG A 242 6.87 24.90 -33.41
N GLN A 243 7.58 25.88 -33.96
CA GLN A 243 9.00 25.69 -34.27
C GLN A 243 9.79 25.41 -33.00
N LYS A 244 9.42 26.08 -31.91
CA LYS A 244 10.12 25.87 -30.64
C LYS A 244 10.22 24.39 -30.30
N TYR A 245 9.07 23.71 -30.28
CA TYR A 245 9.10 22.28 -29.99
C TYR A 245 9.86 21.53 -31.07
N GLU A 246 9.83 22.02 -32.31
CA GLU A 246 10.57 21.36 -33.39
C GLU A 246 12.06 21.37 -33.11
N ARG A 247 12.61 22.50 -32.67
CA ARG A 247 14.03 22.59 -32.38
C ARG A 247 14.43 21.60 -31.27
N ILE A 248 13.63 21.55 -30.21
CA ILE A 248 13.85 20.59 -29.14
C ILE A 248 13.85 19.16 -29.68
N SER A 249 12.83 18.83 -30.48
CA SER A 249 12.77 17.51 -31.12
C SER A 249 14.05 17.22 -31.90
N GLU A 250 14.47 18.16 -32.75
CA GLU A 250 15.65 17.96 -33.58
C GLU A 250 16.91 17.76 -32.74
N LYS A 251 17.05 18.53 -31.66
CA LYS A 251 18.22 18.37 -30.79
C LYS A 251 18.22 17.02 -30.10
N LYS A 252 17.05 16.56 -29.63
CA LYS A 252 16.98 15.24 -29.01
C LYS A 252 17.34 14.13 -29.98
N MET A 253 16.84 14.24 -31.22
CA MET A 253 17.12 13.21 -32.22
C MET A 253 18.57 13.23 -32.67
N SER A 254 19.20 14.40 -32.67
CA SER A 254 20.53 14.54 -33.22
C SER A 254 21.63 14.48 -32.16
N THR A 255 21.27 14.24 -30.91
CA THR A 255 22.21 14.06 -29.80
C THR A 255 22.22 12.60 -29.40
N PRO A 256 23.20 11.81 -29.83
CA PRO A 256 23.17 10.39 -29.46
C PRO A 256 23.24 10.22 -27.95
N ILE A 257 22.65 9.12 -27.47
CA ILE A 257 22.62 8.88 -26.04
C ILE A 257 24.02 8.88 -25.43
N GLU A 258 25.03 8.40 -26.17
CA GLU A 258 26.38 8.37 -25.62
C GLU A 258 26.95 9.77 -25.44
N VAL A 259 26.51 10.72 -26.25
CA VAL A 259 26.95 12.11 -26.07
C VAL A 259 26.16 12.75 -24.94
N LEU A 260 24.84 12.54 -24.92
CA LEU A 260 24.02 13.07 -23.83
C LEU A 260 24.56 12.64 -22.49
N CYS A 261 24.91 11.36 -22.37
CA CYS A 261 25.28 10.79 -21.08
C CYS A 261 26.78 10.72 -20.88
N LYS A 262 27.58 11.42 -21.70
CA LYS A 262 29.02 11.35 -21.59
C LYS A 262 29.49 11.74 -20.19
N GLY A 263 30.41 10.96 -19.65
CA GLY A 263 31.00 11.24 -18.35
C GLY A 263 30.20 10.77 -17.16
N TYR A 264 29.05 10.13 -17.38
CA TYR A 264 28.21 9.59 -16.31
C TYR A 264 28.15 8.08 -16.45
N PRO A 265 27.77 7.37 -15.39
CA PRO A 265 27.74 5.91 -15.44
C PRO A 265 26.90 5.37 -16.59
N SER A 266 27.37 4.27 -17.20
CA SER A 266 26.72 3.74 -18.40
C SER A 266 25.25 3.40 -18.17
N GLU A 267 24.86 3.14 -16.92
CA GLU A 267 23.48 2.77 -16.65
C GLU A 267 22.47 3.81 -17.14
N PHE A 268 22.82 5.10 -17.11
CA PHE A 268 21.88 6.12 -17.53
C PHE A 268 21.60 6.03 -19.03
N ALA A 269 22.63 5.73 -19.81
CA ALA A 269 22.45 5.48 -21.23
C ALA A 269 21.72 4.17 -21.47
N THR A 270 22.09 3.12 -20.74
CA THR A 270 21.41 1.85 -20.90
C THR A 270 19.92 2.01 -20.64
N TYR A 271 19.58 2.76 -19.58
CA TYR A 271 18.20 3.01 -19.25
C TYR A 271 17.47 3.69 -20.41
N LEU A 272 18.03 4.77 -20.93
CA LEU A 272 17.36 5.50 -22.00
C LEU A 272 17.26 4.67 -23.27
N ASN A 273 18.32 3.94 -23.63
CA ASN A 273 18.25 3.09 -24.83
C ASN A 273 17.17 2.03 -24.70
N PHE A 274 17.03 1.45 -23.51
CA PHE A 274 15.97 0.48 -23.27
C PHE A 274 14.61 1.11 -23.50
N CYS A 275 14.39 2.29 -22.92
CA CYS A 275 13.08 2.91 -23.03
C CYS A 275 12.80 3.27 -24.48
N ARG A 276 13.79 3.85 -25.17
CA ARG A 276 13.60 4.22 -26.56
C ARG A 276 13.36 3.02 -27.48
N SER A 277 13.71 1.81 -27.04
CA SER A 277 13.63 0.62 -27.86
C SER A 277 12.35 -0.15 -27.65
N LEU A 278 11.51 0.28 -26.72
CA LEU A 278 10.28 -0.43 -26.41
C LEU A 278 9.27 -0.24 -27.53
N ARG A 279 8.51 -1.29 -27.80
CA ARG A 279 7.38 -1.18 -28.71
C ARG A 279 6.26 -0.40 -28.05
N PHE A 280 5.37 0.13 -28.89
CA PHE A 280 4.27 0.98 -28.43
C PHE A 280 3.47 0.33 -27.31
N ASP A 281 3.10 -0.94 -27.47
CA ASP A 281 2.25 -1.61 -26.50
C ASP A 281 3.02 -2.58 -25.59
N ASP A 282 4.36 -2.49 -25.58
CA ASP A 282 5.16 -3.32 -24.69
C ASP A 282 4.90 -2.97 -23.23
N LYS A 283 4.85 -4.00 -22.39
CA LYS A 283 4.89 -3.81 -20.95
C LYS A 283 6.36 -3.69 -20.55
N PRO A 284 6.79 -2.52 -20.08
CA PRO A 284 8.21 -2.33 -19.72
C PRO A 284 8.64 -3.28 -18.61
N ASP A 285 9.92 -3.66 -18.65
CA ASP A 285 10.52 -4.45 -17.58
C ASP A 285 11.01 -3.47 -16.50
N TYR A 286 10.08 -3.06 -15.65
CA TYR A 286 10.42 -2.10 -14.60
C TYR A 286 11.52 -2.64 -13.68
N SER A 287 11.48 -3.93 -13.38
CA SER A 287 12.45 -4.54 -12.49
C SER A 287 13.86 -4.47 -13.07
N TYR A 288 13.98 -4.70 -14.38
CA TYR A 288 15.27 -4.58 -15.04
C TYR A 288 15.82 -3.16 -14.88
N LEU A 289 14.97 -2.17 -15.09
CA LEU A 289 15.42 -0.78 -15.01
C LEU A 289 15.85 -0.40 -13.59
N ARG A 290 15.08 -0.85 -12.58
CA ARG A 290 15.47 -0.60 -11.19
C ARG A 290 16.77 -1.32 -10.86
N GLN A 291 16.93 -2.54 -11.39
CA GLN A 291 18.11 -3.36 -11.13
C GLN A 291 19.38 -2.70 -11.67
N LEU A 292 19.29 -2.06 -12.84
CA LEU A 292 20.43 -1.31 -13.38
C LEU A 292 20.99 -0.35 -12.34
N PHE A 293 20.12 0.46 -11.76
CA PHE A 293 20.56 1.47 -10.81
C PHE A 293 20.88 0.86 -9.47
N ARG A 294 20.18 -0.20 -9.08
CA ARG A 294 20.51 -0.87 -7.82
C ARG A 294 21.90 -1.49 -7.88
N ASN A 295 22.21 -2.14 -9.00
CA ASN A 295 23.54 -2.74 -9.15
C ASN A 295 24.62 -1.66 -9.11
N LEU A 296 24.38 -0.52 -9.75
CA LEU A 296 25.32 0.59 -9.69
C LEU A 296 25.48 1.10 -8.27
N PHE A 297 24.36 1.25 -7.56
CA PHE A 297 24.38 1.69 -6.17
C PHE A 297 25.28 0.79 -5.33
N HIS A 298 25.15 -0.52 -5.53
CA HIS A 298 25.96 -1.48 -4.79
C HIS A 298 27.43 -1.39 -5.19
N ARG A 299 27.73 -1.30 -6.49
CA ARG A 299 29.13 -1.19 -6.89
C ARG A 299 29.80 0.05 -6.34
N GLN A 300 29.03 1.14 -6.16
CA GLN A 300 29.53 2.39 -5.62
C GLN A 300 29.78 2.36 -4.12
N GLY A 301 29.30 1.33 -3.41
CA GLY A 301 29.53 1.23 -1.98
C GLY A 301 28.59 2.08 -1.16
N PHE A 302 27.51 2.57 -1.75
CA PHE A 302 26.56 3.42 -1.04
C PHE A 302 25.71 2.60 -0.06
N SER A 303 25.30 3.26 1.02
CA SER A 303 24.36 2.67 1.97
C SER A 303 22.95 3.10 1.61
N TYR A 304 22.03 2.14 1.54
CA TYR A 304 20.63 2.43 1.25
C TYR A 304 19.96 2.82 2.57
N ASP A 305 20.22 4.06 2.98
CA ASP A 305 19.74 4.59 4.26
C ASP A 305 18.77 5.74 4.07
N TYR A 306 18.31 5.98 2.85
CA TYR A 306 17.35 7.03 2.53
C TYR A 306 17.83 8.41 2.97
N VAL A 307 19.14 8.61 3.05
CA VAL A 307 19.70 9.93 3.34
C VAL A 307 19.97 10.60 2.00
N PHE A 308 19.10 11.55 1.65
CA PHE A 308 19.23 12.34 0.44
C PHE A 308 20.07 13.58 0.71
N ASP A 309 20.52 14.23 -0.37
CA ASP A 309 21.38 15.40 -0.23
C ASP A 309 20.76 16.44 0.70
N TRP A 310 19.44 16.65 0.60
CA TRP A 310 18.81 17.71 1.39
C TRP A 310 18.71 17.35 2.87
N ASN A 311 18.83 16.07 3.22
CA ASN A 311 18.88 15.67 4.62
C ASN A 311 20.18 16.12 5.27
N MET A 312 21.16 16.53 4.47
CA MET A 312 22.47 16.95 4.97
C MET A 312 22.54 18.46 5.16
N LEU A 313 21.47 19.20 4.84
CA LEU A 313 21.52 20.64 4.93
C LEU A 313 21.52 21.05 6.41
N LYS A 314 22.37 22.02 6.74
CA LYS A 314 22.60 22.41 8.13
C LYS A 314 22.12 23.83 8.42
N HIS B 20 -7.95 14.04 37.38
CA HIS B 20 -7.73 14.61 36.02
C HIS B 20 -8.08 13.61 34.93
N MET B 21 -7.86 12.33 35.22
CA MET B 21 -8.05 11.25 34.24
C MET B 21 -9.42 10.60 34.45
N GLU B 22 -10.46 11.39 34.18
CA GLU B 22 -11.84 10.91 34.32
C GLU B 22 -12.48 10.67 32.96
N LEU B 23 -11.74 10.02 32.07
CA LEU B 23 -12.17 9.87 30.68
C LEU B 23 -13.44 9.02 30.58
N ARG B 24 -14.38 9.48 29.77
CA ARG B 24 -15.66 8.81 29.65
C ARG B 24 -16.23 9.08 28.26
N VAL B 25 -16.80 8.03 27.67
CA VAL B 25 -17.40 8.07 26.34
C VAL B 25 -18.90 8.02 26.55
N GLY B 26 -19.60 9.07 26.16
CA GLY B 26 -21.00 9.13 26.51
C GLY B 26 -21.07 9.19 28.02
N ASN B 27 -22.23 8.81 28.56
CA ASN B 27 -22.41 8.81 29.99
C ASN B 27 -22.09 7.46 30.61
N ARG B 28 -21.97 6.42 29.78
CA ARG B 28 -21.99 5.05 30.27
C ARG B 28 -20.61 4.38 30.34
N TYR B 29 -19.65 4.77 29.52
CA TYR B 29 -18.42 4.00 29.39
C TYR B 29 -17.22 4.78 29.91
N ARG B 30 -16.49 4.19 30.85
CA ARG B 30 -15.32 4.82 31.42
C ARG B 30 -14.10 4.22 30.72
N LEU B 31 -13.28 5.08 30.14
CA LEU B 31 -12.13 4.61 29.38
C LEU B 31 -10.91 4.45 30.27
N GLY B 32 -10.29 3.28 30.18
CA GLY B 32 -9.02 3.01 30.81
C GLY B 32 -7.89 3.15 29.81
N ARG B 33 -6.90 2.28 29.94
CA ARG B 33 -5.70 2.42 29.14
C ARG B 33 -5.96 2.07 27.67
N LYS B 34 -5.26 2.78 26.79
CA LYS B 34 -5.21 2.37 25.41
C LYS B 34 -4.33 1.14 25.31
N ILE B 35 -4.79 0.12 24.59
CA ILE B 35 -4.01 -1.11 24.43
C ILE B 35 -3.46 -1.27 23.03
N GLY B 36 -3.78 -0.38 22.11
CA GLY B 36 -3.27 -0.46 20.75
C GLY B 36 -4.21 0.21 19.78
N SER B 37 -4.02 -0.10 18.50
CA SER B 37 -4.89 0.39 17.44
C SER B 37 -5.14 -0.75 16.47
N GLY B 38 -6.41 -1.05 16.21
CA GLY B 38 -6.76 -2.11 15.28
C GLY B 38 -6.56 -1.68 13.85
N SER B 39 -7.31 -2.29 12.92
CA SER B 39 -7.18 -1.93 11.50
C SER B 39 -7.58 -0.47 11.29
N PHE B 40 -8.64 -0.03 11.98
CA PHE B 40 -9.14 1.34 11.91
C PHE B 40 -9.55 1.73 13.32
N GLY B 41 -9.15 2.93 13.75
CA GLY B 41 -9.52 3.41 15.06
C GLY B 41 -8.69 2.83 16.19
N ASP B 42 -8.83 3.43 17.37
CA ASP B 42 -8.05 3.08 18.54
C ASP B 42 -8.86 2.21 19.51
N ILE B 43 -8.14 1.32 20.20
CA ILE B 43 -8.74 0.35 21.10
C ILE B 43 -8.44 0.74 22.54
N TYR B 44 -9.45 0.64 23.42
CA TYR B 44 -9.29 0.98 24.82
C TYR B 44 -9.94 -0.09 25.68
N LEU B 45 -9.35 -0.34 26.84
CA LEU B 45 -10.05 -1.06 27.89
C LEU B 45 -10.91 -0.06 28.66
N GLY B 46 -12.09 -0.50 29.07
CA GLY B 46 -12.98 0.37 29.79
C GLY B 46 -13.92 -0.33 30.75
N THR B 47 -14.83 0.44 31.33
CA THR B 47 -15.86 -0.10 32.21
C THR B 47 -17.20 0.40 31.73
N ASP B 48 -18.12 -0.53 31.48
CA ASP B 48 -19.53 -0.21 31.34
C ASP B 48 -20.07 0.07 32.74
N ILE B 49 -20.20 1.36 33.07
CA ILE B 49 -20.57 1.78 34.42
C ILE B 49 -21.97 1.26 34.76
N ALA B 50 -22.90 1.30 33.80
CA ALA B 50 -24.27 0.92 34.07
C ALA B 50 -24.42 -0.57 34.29
N ALA B 51 -23.63 -1.38 33.60
CA ALA B 51 -23.72 -2.84 33.73
C ALA B 51 -22.68 -3.38 34.69
N GLY B 52 -21.80 -2.51 35.18
CA GLY B 52 -20.75 -2.91 36.09
C GLY B 52 -19.89 -4.05 35.54
N GLU B 53 -19.31 -3.87 34.35
CA GLU B 53 -18.45 -4.91 33.79
C GLU B 53 -17.36 -4.30 32.94
N GLU B 54 -16.17 -4.90 33.01
CA GLU B 54 -15.09 -4.52 32.12
C GLU B 54 -15.46 -4.86 30.69
N VAL B 55 -15.13 -3.96 29.77
CA VAL B 55 -15.37 -4.16 28.35
C VAL B 55 -14.17 -3.64 27.59
N ALA B 56 -14.17 -3.91 26.29
CA ALA B 56 -13.23 -3.34 25.35
C ALA B 56 -14.00 -2.40 24.45
N ILE B 57 -13.38 -1.30 24.06
CA ILE B 57 -14.08 -0.23 23.34
C ILE B 57 -13.26 0.17 22.14
N LYS B 58 -13.90 0.17 20.98
CA LYS B 58 -13.27 0.61 19.74
C LYS B 58 -13.91 1.93 19.31
N LEU B 59 -13.07 2.93 19.05
CA LEU B 59 -13.50 4.26 18.68
C LEU B 59 -13.05 4.61 17.27
N GLU B 60 -13.93 5.28 16.52
CA GLU B 60 -13.64 5.75 15.18
C GLU B 60 -14.08 7.20 15.03
N CYS B 61 -13.18 8.03 14.50
CA CYS B 61 -13.51 9.43 14.22
C CYS B 61 -14.66 9.55 13.23
N VAL B 62 -15.70 10.28 13.63
CA VAL B 62 -16.89 10.44 12.79
C VAL B 62 -16.51 11.30 11.58
N HIS B 66 -14.53 8.01 4.93
CA HIS B 66 -14.82 6.59 4.70
C HIS B 66 -15.09 5.83 6.00
N PRO B 67 -16.22 6.12 6.65
CA PRO B 67 -16.55 5.45 7.92
C PRO B 67 -16.66 3.94 7.74
N GLN B 68 -16.27 3.22 8.79
CA GLN B 68 -16.12 1.76 8.70
C GLN B 68 -16.55 0.99 9.94
N LEU B 69 -16.68 1.62 11.11
CA LEU B 69 -16.96 0.86 12.32
C LEU B 69 -18.33 0.18 12.23
N HIS B 70 -19.31 0.86 11.65
CA HIS B 70 -20.64 0.28 11.59
C HIS B 70 -20.67 -0.95 10.70
N ILE B 71 -19.98 -0.89 9.55
CA ILE B 71 -19.82 -2.05 8.67
C ILE B 71 -19.17 -3.21 9.40
N GLU B 72 -18.12 -2.94 10.19
CA GLU B 72 -17.46 -4.01 10.93
C GLU B 72 -18.40 -4.62 11.96
N SER B 73 -19.18 -3.79 12.65
CA SER B 73 -20.10 -4.32 13.65
C SER B 73 -21.07 -5.30 13.02
N LYS B 74 -21.52 -5.01 11.80
CA LYS B 74 -22.44 -5.92 11.12
C LYS B 74 -21.78 -7.24 10.77
N ILE B 75 -20.48 -7.25 10.45
CA ILE B 75 -19.82 -8.52 10.20
C ILE B 75 -19.72 -9.32 11.49
N TYR B 76 -19.31 -8.67 12.59
CA TYR B 76 -19.33 -9.34 13.89
C TYR B 76 -20.70 -9.90 14.20
N LYS B 77 -21.75 -9.13 13.93
CA LYS B 77 -23.10 -9.60 14.16
C LYS B 77 -23.41 -10.85 13.34
N MET B 78 -23.00 -10.88 12.07
CA MET B 78 -23.24 -12.06 11.23
C MET B 78 -22.50 -13.28 11.77
N MET B 79 -21.31 -13.08 12.34
CA MET B 79 -20.51 -14.17 12.91
C MET B 79 -21.00 -14.59 14.28
N GLN B 80 -21.94 -13.85 14.89
CA GLN B 80 -22.26 -14.07 16.29
C GLN B 80 -22.66 -15.52 16.52
N GLY B 81 -22.23 -16.07 17.66
CA GLY B 81 -22.58 -17.43 18.01
C GLY B 81 -21.56 -18.46 17.60
N GLY B 82 -20.58 -18.12 16.76
CA GLY B 82 -19.52 -19.03 16.47
C GLY B 82 -18.55 -19.16 17.63
N VAL B 83 -17.98 -20.35 17.78
CA VAL B 83 -16.93 -20.57 18.77
C VAL B 83 -15.79 -19.60 18.54
N GLY B 84 -15.39 -18.89 19.58
CA GLY B 84 -14.26 -17.99 19.49
C GLY B 84 -14.54 -16.68 18.80
N ILE B 85 -15.81 -16.32 18.65
CA ILE B 85 -16.22 -15.04 18.07
C ILE B 85 -16.70 -14.15 19.21
N PRO B 86 -16.09 -12.99 19.43
CA PRO B 86 -16.54 -12.12 20.54
C PRO B 86 -17.90 -11.51 20.26
N THR B 87 -18.60 -11.20 21.34
CA THR B 87 -19.91 -10.55 21.27
C THR B 87 -19.70 -9.05 21.24
N ILE B 88 -20.42 -8.39 20.34
CA ILE B 88 -20.31 -6.98 20.03
C ILE B 88 -21.54 -6.22 20.49
N ARG B 89 -21.33 -4.97 20.88
CA ARG B 89 -22.40 -4.03 21.14
C ARG B 89 -22.25 -2.81 20.25
N TRP B 90 -22.96 -2.74 19.12
CA TRP B 90 -22.89 -1.50 18.36
C TRP B 90 -23.63 -0.42 19.15
N CYS B 91 -22.89 0.61 19.50
CA CYS B 91 -23.46 1.84 20.02
C CYS B 91 -23.16 2.88 18.96
N GLY B 92 -24.12 3.72 18.68
CA GLY B 92 -23.94 4.66 17.60
C GLY B 92 -22.77 5.58 17.80
N ALA B 93 -23.07 6.87 17.74
CA ALA B 93 -22.06 7.90 17.83
C ALA B 93 -22.15 8.57 19.19
N GLU B 94 -21.00 8.98 19.69
CA GLU B 94 -20.91 9.81 20.88
C GLU B 94 -19.94 10.93 20.52
N GLY B 95 -20.43 12.16 20.52
CA GLY B 95 -19.61 13.29 20.15
C GLY B 95 -19.10 13.13 18.74
N ASP B 96 -17.77 13.17 18.57
CA ASP B 96 -17.14 13.06 17.26
C ASP B 96 -16.61 11.66 17.00
N TYR B 97 -17.11 10.64 17.70
CA TYR B 97 -16.66 9.27 17.53
C TYR B 97 -17.83 8.32 17.36
N ASN B 98 -17.64 7.32 16.51
CA ASN B 98 -18.45 6.11 16.53
C ASN B 98 -17.84 5.14 17.54
N VAL B 99 -18.70 4.41 18.25
CA VAL B 99 -18.26 3.57 19.36
C VAL B 99 -18.75 2.14 19.14
N MET B 100 -17.85 1.17 19.32
CA MET B 100 -18.22 -0.23 19.35
C MET B 100 -17.68 -0.82 20.64
N VAL B 101 -18.55 -1.48 21.40
CA VAL B 101 -18.20 -2.06 22.70
C VAL B 101 -18.19 -3.58 22.54
N MET B 102 -17.13 -4.22 23.00
CA MET B 102 -16.94 -5.64 22.86
C MET B 102 -16.75 -6.27 24.23
N GLU B 103 -17.16 -7.53 24.36
CA GLU B 103 -16.80 -8.26 25.56
C GLU B 103 -15.28 -8.27 25.68
N LEU B 104 -14.80 -8.09 26.90
CA LEU B 104 -13.36 -8.08 27.14
C LEU B 104 -12.80 -9.47 27.01
N LEU B 105 -11.72 -9.58 26.27
CA LEU B 105 -10.99 -10.83 26.09
C LEU B 105 -9.63 -10.73 26.77
N GLY B 106 -8.93 -11.86 26.78
CA GLY B 106 -7.62 -11.96 27.38
C GLY B 106 -6.53 -11.52 26.42
N PRO B 107 -5.27 -11.86 26.75
CA PRO B 107 -4.13 -11.38 25.97
C PRO B 107 -4.10 -11.94 24.56
N SER B 108 -3.49 -11.19 23.65
CA SER B 108 -3.28 -11.66 22.28
C SER B 108 -2.14 -12.68 22.23
N LEU B 109 -2.07 -13.41 21.12
CA LEU B 109 -0.98 -14.38 21.00
C LEU B 109 0.37 -13.69 20.86
N GLU B 110 0.41 -12.47 20.33
CA GLU B 110 1.68 -11.76 20.28
C GLU B 110 2.14 -11.37 21.68
N ASP B 111 1.20 -10.90 22.51
CA ASP B 111 1.52 -10.60 23.90
C ASP B 111 2.06 -11.83 24.61
N LEU B 112 1.38 -12.97 24.44
CA LEU B 112 1.79 -14.19 25.12
C LEU B 112 3.11 -14.69 24.56
N PHE B 113 3.32 -14.56 23.24
CA PHE B 113 4.59 -14.92 22.64
C PHE B 113 5.74 -14.17 23.31
N ASN B 114 5.60 -12.85 23.46
CA ASN B 114 6.62 -12.07 24.15
C ASN B 114 6.80 -12.53 25.58
N PHE B 115 5.70 -12.83 26.26
CA PHE B 115 5.79 -13.27 27.64
C PHE B 115 6.58 -14.57 27.74
N CYS B 116 6.48 -15.43 26.71
CA CYS B 116 7.21 -16.67 26.66
C CYS B 116 8.56 -16.51 25.96
N SER B 117 9.09 -15.28 25.91
CA SER B 117 10.41 -15.02 25.36
C SER B 117 10.48 -15.38 23.88
N ARG B 118 9.36 -15.20 23.17
CA ARG B 118 9.32 -15.36 21.71
C ARG B 118 9.76 -16.76 21.31
N LYS B 119 9.36 -17.75 22.11
CA LYS B 119 9.56 -19.16 21.78
C LYS B 119 8.35 -19.92 22.31
N PHE B 120 7.66 -20.64 21.44
CA PHE B 120 6.58 -21.53 21.85
C PHE B 120 7.03 -22.98 21.66
N SER B 121 6.67 -23.85 22.60
CA SER B 121 6.91 -25.27 22.42
C SER B 121 6.10 -25.80 21.25
N LEU B 122 6.54 -26.93 20.68
CA LEU B 122 5.78 -27.56 19.61
C LEU B 122 4.34 -27.84 20.04
N LYS B 123 4.15 -28.29 21.28
CA LYS B 123 2.81 -28.62 21.77
C LYS B 123 1.91 -27.38 21.74
N THR B 124 2.40 -26.25 22.24
CA THR B 124 1.60 -25.04 22.22
C THR B 124 1.28 -24.63 20.78
N VAL B 125 2.28 -24.70 19.89
CA VAL B 125 2.03 -24.35 18.50
C VAL B 125 0.93 -25.23 17.93
N LEU B 126 0.96 -26.53 18.21
CA LEU B 126 -0.06 -27.42 17.65
C LEU B 126 -1.42 -27.21 18.31
N LEU B 127 -1.46 -26.98 19.61
CA LEU B 127 -2.73 -26.62 20.25
C LEU B 127 -3.33 -25.38 19.60
N LEU B 128 -2.50 -24.36 19.36
CA LEU B 128 -3.01 -23.14 18.73
C LEU B 128 -3.42 -23.39 17.28
N ALA B 129 -2.62 -24.13 16.52
CA ALA B 129 -2.96 -24.37 15.12
C ALA B 129 -4.35 -24.97 14.99
N ASP B 130 -4.68 -25.94 15.85
CA ASP B 130 -5.95 -26.63 15.77
C ASP B 130 -7.13 -25.66 15.91
N GLN B 131 -7.06 -24.71 16.85
CA GLN B 131 -8.13 -23.77 17.01
C GLN B 131 -8.12 -22.69 15.93
N MET B 132 -6.93 -22.25 15.54
CA MET B 132 -6.87 -21.16 14.57
C MET B 132 -7.41 -21.59 13.22
N ILE B 133 -7.12 -22.83 12.81
CA ILE B 133 -7.71 -23.33 11.57
C ILE B 133 -9.22 -23.33 11.67
N SER B 134 -9.73 -23.73 12.84
CA SER B 134 -11.19 -23.78 13.03
C SER B 134 -11.80 -22.40 12.99
N ARG B 135 -11.14 -21.40 13.59
CA ARG B 135 -11.68 -20.04 13.55
C ARG B 135 -11.75 -19.55 12.12
N ILE B 136 -10.70 -19.78 11.34
CA ILE B 136 -10.70 -19.37 9.94
C ILE B 136 -11.74 -20.16 9.17
N GLU B 137 -11.86 -21.46 9.43
CA GLU B 137 -12.91 -22.21 8.76
C GLU B 137 -14.28 -21.61 9.04
N TYR B 138 -14.54 -21.25 10.31
CA TYR B 138 -15.84 -20.71 10.65
C TYR B 138 -16.12 -19.42 9.88
N ILE B 139 -15.16 -18.50 9.85
CA ILE B 139 -15.36 -17.26 9.12
C ILE B 139 -15.66 -17.56 7.65
N HIS B 140 -14.88 -18.45 7.05
CA HIS B 140 -15.14 -18.81 5.66
C HIS B 140 -16.54 -19.41 5.48
N SER B 141 -17.03 -20.17 6.47
CA SER B 141 -18.36 -20.74 6.38
C SER B 141 -19.43 -19.66 6.44
N LYS B 142 -19.10 -18.49 7.00
CA LYS B 142 -19.99 -17.34 6.99
C LYS B 142 -19.72 -16.39 5.84
N ASN B 143 -18.97 -16.84 4.83
CA ASN B 143 -18.88 -16.21 3.51
C ASN B 143 -17.87 -15.07 3.42
N PHE B 144 -17.00 -14.93 4.42
CA PHE B 144 -16.02 -13.86 4.49
C PHE B 144 -14.60 -14.43 4.55
N ILE B 145 -13.65 -13.64 4.05
CA ILE B 145 -12.23 -13.87 4.29
C ILE B 145 -11.75 -12.74 5.19
N HIS B 146 -10.77 -13.07 6.03
CA HIS B 146 -10.33 -12.15 7.08
C HIS B 146 -9.32 -11.15 6.54
N ARG B 147 -8.29 -11.64 5.85
CA ARG B 147 -7.31 -10.87 5.11
C ARG B 147 -6.30 -10.16 6.00
N ASP B 148 -6.27 -10.45 7.30
CA ASP B 148 -5.20 -9.93 8.13
C ASP B 148 -4.92 -10.90 9.28
N VAL B 149 -4.71 -12.18 8.94
CA VAL B 149 -4.39 -13.21 9.90
C VAL B 149 -2.98 -12.94 10.46
N LYS B 150 -2.89 -12.71 11.77
CA LYS B 150 -1.62 -12.43 12.43
C LYS B 150 -1.81 -12.65 13.93
N PRO B 151 -0.72 -12.84 14.67
CA PRO B 151 -0.90 -13.15 16.11
C PRO B 151 -1.68 -12.11 16.88
N ASP B 152 -1.55 -10.82 16.56
CA ASP B 152 -2.26 -9.78 17.29
C ASP B 152 -3.78 -9.90 17.20
N ASN B 153 -4.31 -10.62 16.21
CA ASN B 153 -5.75 -10.73 15.99
C ASN B 153 -6.32 -12.03 16.51
N PHE B 154 -5.56 -12.75 17.33
CA PHE B 154 -6.05 -13.90 18.05
C PHE B 154 -5.82 -13.64 19.52
N LEU B 155 -6.87 -13.75 20.32
CA LEU B 155 -6.81 -13.45 21.74
C LEU B 155 -7.39 -14.62 22.52
N MET B 156 -6.75 -14.98 23.63
CA MET B 156 -7.32 -15.98 24.51
C MET B 156 -8.49 -15.38 25.30
N GLY B 157 -9.43 -16.23 25.69
CA GLY B 157 -10.57 -15.79 26.48
C GLY B 157 -10.17 -15.44 27.89
N LEU B 158 -11.17 -15.04 28.67
CA LEU B 158 -10.95 -14.70 30.07
C LEU B 158 -11.55 -15.78 30.95
N GLY B 159 -10.98 -15.90 32.15
CA GLY B 159 -11.53 -16.79 33.15
C GLY B 159 -11.66 -18.21 32.64
N LYS B 160 -12.88 -18.73 32.74
CA LYS B 160 -13.18 -20.10 32.35
C LYS B 160 -13.09 -20.31 30.84
N LYS B 161 -12.91 -19.24 30.06
CA LYS B 161 -12.67 -19.33 28.63
C LYS B 161 -11.20 -19.13 28.30
N GLY B 162 -10.32 -19.27 29.28
CA GLY B 162 -8.90 -19.00 29.08
C GLY B 162 -8.22 -19.94 28.10
N ASN B 163 -8.82 -21.10 27.83
CA ASN B 163 -8.24 -22.06 26.89
C ASN B 163 -8.82 -21.92 25.48
N LEU B 164 -9.66 -20.92 25.24
CA LEU B 164 -10.32 -20.73 23.96
C LEU B 164 -9.64 -19.60 23.19
N VAL B 165 -9.24 -19.88 21.94
CA VAL B 165 -8.69 -18.86 21.05
C VAL B 165 -9.82 -18.15 20.31
N TYR B 166 -9.89 -16.84 20.48
CA TYR B 166 -10.81 -15.98 19.74
C TYR B 166 -10.07 -15.32 18.59
N ILE B 167 -10.81 -15.01 17.54
CA ILE B 167 -10.31 -14.23 16.41
C ILE B 167 -11.03 -12.89 16.42
N ILE B 168 -10.31 -11.81 16.14
CA ILE B 168 -10.87 -10.47 16.14
C ILE B 168 -10.48 -9.72 14.88
N ASP B 169 -11.18 -8.61 14.68
CA ASP B 169 -10.88 -7.53 13.75
C ASP B 169 -11.30 -7.90 12.34
N PHE B 170 -12.47 -7.41 11.93
CA PHE B 170 -12.98 -7.61 10.59
C PHE B 170 -12.91 -6.33 9.76
N GLY B 171 -12.06 -5.39 10.16
CA GLY B 171 -11.95 -4.14 9.44
C GLY B 171 -11.43 -4.29 8.02
N LEU B 172 -10.70 -5.38 7.75
CA LEU B 172 -10.20 -5.66 6.41
C LEU B 172 -10.91 -6.84 5.74
N ALA B 173 -11.93 -7.41 6.38
CA ALA B 173 -12.60 -8.59 5.87
C ALA B 173 -13.42 -8.28 4.63
N LYS B 174 -13.66 -9.31 3.83
CA LYS B 174 -14.39 -9.15 2.59
C LYS B 174 -15.24 -10.40 2.36
N LYS B 175 -16.45 -10.19 1.82
CA LYS B 175 -17.31 -11.30 1.45
C LYS B 175 -16.74 -11.94 0.18
N TYR B 176 -16.46 -13.24 0.22
CA TYR B 176 -15.87 -13.91 -0.94
C TYR B 176 -16.84 -14.82 -1.70
N ARG B 177 -18.02 -15.12 -1.15
CA ARG B 177 -18.99 -15.94 -1.87
C ARG B 177 -20.40 -15.53 -1.48
N ASP B 178 -21.36 -15.88 -2.34
CA ASP B 178 -22.76 -15.65 -2.03
C ASP B 178 -23.24 -16.65 -0.97
N ALA B 179 -23.98 -16.16 0.02
CA ALA B 179 -24.40 -16.99 1.14
C ALA B 179 -25.31 -18.13 0.70
N ARG B 180 -26.09 -17.92 -0.36
CA ARG B 180 -27.04 -18.92 -0.84
C ARG B 180 -26.46 -19.81 -1.94
N THR B 181 -25.89 -19.22 -2.99
CA THR B 181 -25.45 -19.96 -4.16
C THR B 181 -24.01 -20.41 -4.09
N HIS B 182 -23.25 -19.85 -3.15
CA HIS B 182 -21.82 -20.10 -2.99
C HIS B 182 -21.01 -19.68 -4.21
N GLN B 183 -21.56 -18.81 -5.06
CA GLN B 183 -20.79 -18.27 -6.17
C GLN B 183 -19.60 -17.47 -5.64
N HIS B 184 -18.41 -17.81 -6.13
CA HIS B 184 -17.18 -17.17 -5.67
C HIS B 184 -16.97 -15.83 -6.37
N ILE B 185 -16.33 -14.90 -5.66
CA ILE B 185 -15.99 -13.61 -6.26
C ILE B 185 -15.01 -13.85 -7.40
N PRO B 186 -14.91 -12.96 -8.38
CA PRO B 186 -14.03 -13.20 -9.52
C PRO B 186 -12.56 -12.91 -9.22
N TYR B 187 -11.72 -13.54 -10.03
CA TYR B 187 -10.28 -13.29 -10.00
C TYR B 187 -9.97 -11.88 -10.47
N ARG B 188 -9.08 -11.20 -9.75
CA ARG B 188 -8.65 -9.85 -10.08
C ARG B 188 -7.17 -9.70 -9.78
N GLU B 189 -6.52 -8.79 -10.49
CA GLU B 189 -5.10 -8.54 -10.36
C GLU B 189 -4.87 -7.07 -10.00
N ASN B 190 -3.60 -6.77 -9.68
CA ASN B 190 -3.14 -5.40 -9.43
C ASN B 190 -3.82 -4.80 -8.20
N LYS B 191 -4.01 -5.63 -7.19
CA LYS B 191 -4.59 -5.20 -5.94
C LYS B 191 -3.48 -4.76 -4.98
N ASN B 192 -3.78 -3.73 -4.19
CA ASN B 192 -2.86 -3.31 -3.16
C ASN B 192 -2.89 -4.27 -1.97
N LEU B 193 -1.73 -4.43 -1.34
CA LEU B 193 -1.60 -5.24 -0.14
C LEU B 193 -2.38 -4.59 0.99
N THR B 194 -3.27 -5.34 1.65
CA THR B 194 -4.15 -4.76 2.67
C THR B 194 -3.63 -4.94 4.09
N GLY B 195 -3.26 -6.15 4.46
CA GLY B 195 -2.84 -6.50 5.80
C GLY B 195 -1.38 -6.25 6.13
N THR B 196 -0.80 -7.17 6.92
CA THR B 196 0.57 -7.03 7.39
C THR B 196 1.50 -7.77 6.44
N ALA B 197 2.53 -7.06 5.99
CA ALA B 197 3.44 -7.63 4.99
C ALA B 197 4.11 -8.90 5.52
N ARG B 198 4.44 -8.92 6.81
CA ARG B 198 5.18 -10.06 7.35
C ARG B 198 4.46 -11.37 7.08
N TYR B 199 3.13 -11.40 7.18
CA TYR B 199 2.37 -12.64 7.08
C TYR B 199 1.60 -12.78 5.78
N ALA B 200 1.72 -11.83 4.86
CA ALA B 200 0.92 -11.87 3.64
C ALA B 200 1.31 -13.05 2.77
N SER B 201 0.33 -13.56 2.02
CA SER B 201 0.61 -14.63 1.08
C SER B 201 1.43 -14.09 -0.08
N ILE B 202 2.12 -15.00 -0.76
CA ILE B 202 2.89 -14.61 -1.94
C ILE B 202 1.97 -13.98 -2.99
N ASN B 203 0.80 -14.58 -3.24
CA ASN B 203 -0.09 -14.00 -4.24
C ASN B 203 -0.58 -12.60 -3.84
N THR B 204 -0.77 -12.37 -2.54
CA THR B 204 -1.11 -11.03 -2.07
C THR B 204 -0.02 -10.03 -2.43
N HIS B 205 1.25 -10.39 -2.18
CA HIS B 205 2.37 -9.55 -2.60
C HIS B 205 2.32 -9.28 -4.10
N LEU B 206 1.89 -10.27 -4.88
CA LEU B 206 1.87 -10.12 -6.33
C LEU B 206 0.63 -9.41 -6.84
N GLY B 207 -0.23 -8.94 -5.94
CA GLY B 207 -1.38 -8.14 -6.31
C GLY B 207 -2.63 -8.93 -6.65
N ILE B 208 -2.68 -10.21 -6.34
CA ILE B 208 -3.82 -11.03 -6.70
C ILE B 208 -4.89 -10.88 -5.63
N GLU B 209 -6.15 -10.80 -6.06
CA GLU B 209 -7.29 -10.83 -5.16
C GLU B 209 -7.16 -11.97 -4.16
N GLN B 210 -7.36 -11.65 -2.88
CA GLN B 210 -7.28 -12.64 -1.82
C GLN B 210 -8.51 -13.52 -1.80
N SER B 211 -8.33 -14.76 -1.37
CA SER B 211 -9.42 -15.71 -1.21
C SER B 211 -9.12 -16.58 0.00
N ARG B 212 -9.86 -17.69 0.14
CA ARG B 212 -9.72 -18.54 1.33
C ARG B 212 -8.28 -19.03 1.48
N ARG B 213 -7.64 -19.40 0.36
CA ARG B 213 -6.28 -19.94 0.44
C ARG B 213 -5.33 -18.99 1.11
N ASP B 214 -5.53 -17.68 0.94
CA ASP B 214 -4.57 -16.70 1.43
C ASP B 214 -4.66 -16.54 2.95
N ASP B 215 -5.87 -16.58 3.51
CA ASP B 215 -6.01 -16.63 4.97
C ASP B 215 -5.19 -17.79 5.53
N LEU B 216 -5.31 -18.96 4.91
CA LEU B 216 -4.65 -20.15 5.43
C LEU B 216 -3.15 -20.09 5.20
N GLU B 217 -2.70 -19.57 4.06
CA GLU B 217 -1.26 -19.41 3.88
C GLU B 217 -0.68 -18.50 4.95
N SER B 218 -1.34 -17.38 5.22
CA SER B 218 -0.89 -16.47 6.26
C SER B 218 -0.79 -17.20 7.61
N LEU B 219 -1.78 -18.05 7.92
CA LEU B 219 -1.71 -18.80 9.17
C LEU B 219 -0.46 -19.68 9.22
N GLY B 220 -0.11 -20.28 8.09
CA GLY B 220 1.12 -21.08 8.05
C GLY B 220 2.37 -20.28 8.38
N TYR B 221 2.44 -19.03 7.92
CA TYR B 221 3.58 -18.19 8.29
C TYR B 221 3.54 -17.87 9.78
N VAL B 222 2.34 -17.66 10.32
CA VAL B 222 2.18 -17.39 11.75
C VAL B 222 2.69 -18.57 12.57
N LEU B 223 2.35 -19.80 12.16
CA LEU B 223 2.81 -20.97 12.91
C LEU B 223 4.33 -21.11 12.84
N MET B 224 4.94 -20.86 11.68
CA MET B 224 6.39 -20.94 11.60
C MET B 224 7.07 -19.80 12.36
N TYR B 225 6.41 -18.64 12.40
CA TYR B 225 6.87 -17.54 13.23
C TYR B 225 6.94 -17.95 14.70
N PHE B 226 5.89 -18.62 15.18
CA PHE B 226 5.92 -19.12 16.55
C PHE B 226 7.03 -20.15 16.74
N ASN B 227 7.25 -21.01 15.76
CA ASN B 227 8.32 -22.01 15.87
C ASN B 227 9.70 -21.34 15.92
N LEU B 228 9.94 -20.35 15.06
CA LEU B 228 11.28 -19.80 14.86
C LEU B 228 11.61 -18.61 15.76
N GLY B 229 10.61 -17.87 16.21
CA GLY B 229 10.81 -16.62 16.92
C GLY B 229 10.83 -15.41 16.02
N SER B 230 11.10 -15.61 14.73
CA SER B 230 11.04 -14.56 13.72
C SER B 230 11.03 -15.25 12.37
N LEU B 231 10.56 -14.58 11.40
CA LEU B 231 10.58 -15.12 10.05
C LEU B 231 11.80 -14.58 9.28
N PRO B 232 12.33 -15.31 8.30
CA PRO B 232 13.58 -14.86 7.66
C PRO B 232 13.44 -13.58 6.84
N TRP B 233 12.21 -13.12 6.57
CA TRP B 233 12.00 -11.84 5.90
C TRP B 233 11.74 -10.69 6.87
N GLN B 234 11.96 -10.90 8.16
CA GLN B 234 11.98 -9.79 9.09
C GLN B 234 13.36 -9.14 9.09
N GLY B 235 13.39 -7.83 9.30
CA GLY B 235 14.64 -7.10 9.41
C GLY B 235 15.32 -6.89 8.06
N ARG B 247 11.18 -6.06 -0.90
CA ARG B 247 12.29 -6.74 -0.24
C ARG B 247 11.73 -7.89 0.62
N ILE B 248 10.69 -7.62 1.41
CA ILE B 248 10.01 -8.72 2.07
C ILE B 248 9.48 -9.68 1.03
N SER B 249 8.80 -9.14 0.02
CA SER B 249 8.26 -9.96 -1.06
C SER B 249 9.36 -10.80 -1.69
N GLU B 250 10.48 -10.17 -2.04
CA GLU B 250 11.55 -10.90 -2.71
C GLU B 250 12.10 -12.00 -1.81
N LYS B 251 12.31 -11.70 -0.53
CA LYS B 251 12.86 -12.71 0.37
C LYS B 251 11.89 -13.88 0.56
N LYS B 252 10.59 -13.56 0.72
CA LYS B 252 9.59 -14.60 0.90
C LYS B 252 9.48 -15.50 -0.32
N MET B 253 9.51 -14.91 -1.52
CA MET B 253 9.40 -15.72 -2.73
C MET B 253 10.63 -16.58 -2.94
N SER B 254 11.80 -16.11 -2.53
CA SER B 254 13.06 -16.79 -2.82
C SER B 254 13.49 -17.74 -1.71
N THR B 255 12.64 -17.94 -0.71
CA THR B 255 12.90 -18.87 0.37
C THR B 255 12.01 -20.09 0.19
N PRO B 256 12.53 -21.23 -0.27
CA PRO B 256 11.66 -22.39 -0.45
C PRO B 256 11.06 -22.82 0.89
N ILE B 257 9.83 -23.35 0.82
CA ILE B 257 9.12 -23.72 2.03
C ILE B 257 9.93 -24.70 2.85
N GLU B 258 10.63 -25.62 2.20
CA GLU B 258 11.43 -26.59 2.94
C GLU B 258 12.65 -25.94 3.60
N VAL B 259 13.13 -24.83 3.06
CA VAL B 259 14.18 -24.08 3.75
C VAL B 259 13.59 -23.32 4.93
N LEU B 260 12.44 -22.66 4.74
CA LEU B 260 11.75 -21.98 5.83
C LEU B 260 11.49 -22.92 7.00
N CYS B 261 11.04 -24.14 6.72
CA CYS B 261 10.59 -25.08 7.75
C CYS B 261 11.68 -26.06 8.15
N LYS B 262 12.91 -25.79 7.76
CA LYS B 262 14.01 -26.70 8.04
C LYS B 262 14.15 -26.91 9.54
N GLY B 263 14.27 -28.18 9.96
CA GLY B 263 14.44 -28.49 11.37
C GLY B 263 13.17 -28.57 12.18
N TYR B 264 12.02 -28.42 11.55
CA TYR B 264 10.71 -28.58 12.18
C TYR B 264 9.96 -29.71 11.51
N PRO B 265 8.94 -30.27 12.17
CA PRO B 265 8.23 -31.40 11.58
C PRO B 265 7.73 -31.08 10.17
N SER B 266 7.75 -32.10 9.31
CA SER B 266 7.39 -31.90 7.90
C SER B 266 5.98 -31.35 7.72
N GLU B 267 5.09 -31.55 8.70
CA GLU B 267 3.71 -31.09 8.59
C GLU B 267 3.62 -29.60 8.31
N PHE B 268 4.56 -28.81 8.83
CA PHE B 268 4.49 -27.37 8.60
C PHE B 268 4.76 -27.04 7.14
N ALA B 269 5.70 -27.76 6.51
CA ALA B 269 5.90 -27.61 5.07
C ALA B 269 4.72 -28.16 4.28
N THR B 270 4.22 -29.34 4.66
CA THR B 270 3.07 -29.90 3.98
C THR B 270 1.91 -28.91 4.02
N TYR B 271 1.68 -28.30 5.17
CA TYR B 271 0.59 -27.32 5.29
C TYR B 271 0.80 -26.15 4.33
N LEU B 272 1.98 -25.55 4.34
CA LEU B 272 2.21 -24.39 3.49
C LEU B 272 2.15 -24.76 2.01
N ASN B 273 2.72 -25.91 1.63
CA ASN B 273 2.64 -26.34 0.24
C ASN B 273 1.20 -26.57 -0.19
N PHE B 274 0.38 -27.13 0.70
CA PHE B 274 -1.03 -27.31 0.41
C PHE B 274 -1.70 -25.97 0.12
N CYS B 275 -1.46 -24.97 0.96
CA CYS B 275 -2.10 -23.67 0.80
C CYS B 275 -1.65 -22.99 -0.48
N ARG B 276 -0.36 -23.11 -0.82
N ARG B 276 -0.37 -23.10 -0.84
CA ARG B 276 0.14 -22.47 -2.04
CA ARG B 276 0.12 -22.44 -2.04
C ARG B 276 -0.35 -23.15 -3.31
C ARG B 276 -0.33 -23.14 -3.32
N SER B 277 -0.76 -24.41 -3.24
N SER B 277 -0.76 -24.38 -3.24
CA SER B 277 -1.23 -25.12 -4.42
CA SER B 277 -1.22 -25.11 -4.42
C SER B 277 -2.73 -24.98 -4.64
C SER B 277 -2.73 -25.00 -4.63
N LEU B 278 -3.46 -24.39 -3.70
CA LEU B 278 -4.90 -24.23 -3.85
C LEU B 278 -5.23 -23.27 -4.97
N ARG B 279 -6.28 -23.59 -5.72
CA ARG B 279 -6.77 -22.65 -6.72
C ARG B 279 -7.47 -21.48 -6.03
N PHE B 280 -7.62 -20.40 -6.78
CA PHE B 280 -8.21 -19.18 -6.26
C PHE B 280 -9.58 -19.45 -5.62
N ASP B 281 -10.43 -20.24 -6.28
CA ASP B 281 -11.78 -20.50 -5.78
C ASP B 281 -11.96 -21.89 -5.17
N ASP B 282 -10.87 -22.61 -4.92
CA ASP B 282 -10.93 -23.90 -4.24
C ASP B 282 -11.46 -23.74 -2.82
N LYS B 283 -12.29 -24.67 -2.39
CA LYS B 283 -12.66 -24.79 -0.99
C LYS B 283 -11.58 -25.59 -0.25
N PRO B 284 -10.86 -24.99 0.70
CA PRO B 284 -9.81 -25.76 1.37
C PRO B 284 -10.38 -26.95 2.14
N ASP B 285 -9.57 -28.01 2.23
CA ASP B 285 -9.88 -29.18 3.05
C ASP B 285 -9.39 -28.90 4.47
N TYR B 286 -10.21 -28.16 5.23
CA TYR B 286 -9.81 -27.78 6.57
C TYR B 286 -9.58 -28.99 7.45
N SER B 287 -10.44 -30.01 7.29
CA SER B 287 -10.29 -31.21 8.11
C SER B 287 -8.95 -31.88 7.86
N TYR B 288 -8.53 -31.95 6.59
CA TYR B 288 -7.22 -32.51 6.26
C TYR B 288 -6.10 -31.77 6.99
N LEU B 289 -6.17 -30.43 6.97
CA LEU B 289 -5.12 -29.64 7.60
C LEU B 289 -5.12 -29.80 9.11
N ARG B 290 -6.28 -29.87 9.75
CA ARG B 290 -6.32 -30.10 11.19
C ARG B 290 -5.79 -31.49 11.54
N GLN B 291 -6.17 -32.50 10.74
CA GLN B 291 -5.71 -33.86 11.01
C GLN B 291 -4.22 -33.97 10.87
N LEU B 292 -3.65 -33.27 9.88
CA LEU B 292 -2.21 -33.24 9.68
C LEU B 292 -1.50 -32.91 10.99
N PHE B 293 -1.93 -31.83 11.63
CA PHE B 293 -1.33 -31.40 12.88
C PHE B 293 -1.77 -32.25 14.08
N ARG B 294 -3.02 -32.75 14.10
CA ARG B 294 -3.45 -33.60 15.22
C ARG B 294 -2.70 -34.92 15.23
N ASN B 295 -2.49 -35.53 14.06
CA ASN B 295 -1.75 -36.78 14.02
C ASN B 295 -0.33 -36.59 14.52
N LEU B 296 0.31 -35.48 14.18
CA LEU B 296 1.63 -35.16 14.71
C LEU B 296 1.56 -34.96 16.22
N PHE B 297 0.56 -34.23 16.69
CA PHE B 297 0.35 -34.03 18.12
C PHE B 297 0.34 -35.36 18.85
N HIS B 298 -0.39 -36.33 18.32
CA HIS B 298 -0.47 -37.62 18.98
C HIS B 298 0.86 -38.36 18.88
N ARG B 299 1.46 -38.37 17.69
CA ARG B 299 2.72 -39.10 17.53
C ARG B 299 3.80 -38.56 18.47
N GLN B 300 3.75 -37.29 18.81
CA GLN B 300 4.71 -36.68 19.74
C GLN B 300 4.45 -37.10 21.19
N GLY B 301 3.31 -37.73 21.46
CA GLY B 301 2.96 -38.13 22.81
C GLY B 301 2.33 -37.04 23.64
N PHE B 302 1.86 -35.97 23.00
CA PHE B 302 1.24 -34.89 23.75
C PHE B 302 -0.19 -35.26 24.14
N SER B 303 -0.63 -34.73 25.30
CA SER B 303 -2.01 -34.83 25.75
C SER B 303 -2.77 -33.56 25.43
N TYR B 304 -4.00 -33.72 24.93
CA TYR B 304 -4.85 -32.58 24.60
C TYR B 304 -5.50 -32.10 25.89
N ASP B 305 -4.70 -31.36 26.68
CA ASP B 305 -5.11 -30.88 27.99
C ASP B 305 -5.13 -29.36 28.08
N TYR B 306 -4.94 -28.67 26.96
CA TYR B 306 -4.98 -27.22 26.89
C TYR B 306 -3.97 -26.56 27.81
N VAL B 307 -2.88 -27.24 28.14
CA VAL B 307 -1.79 -26.66 28.93
C VAL B 307 -0.83 -26.01 27.93
N PHE B 308 -0.96 -24.69 27.80
CA PHE B 308 -0.10 -23.87 26.95
C PHE B 308 1.16 -23.47 27.70
N ASP B 309 2.18 -23.01 26.94
CA ASP B 309 3.45 -22.65 27.57
C ASP B 309 3.24 -21.64 28.70
N TRP B 310 2.35 -20.68 28.49
CA TRP B 310 2.19 -19.59 29.46
C TRP B 310 1.45 -20.03 30.72
N ASN B 311 0.79 -21.20 30.70
CA ASN B 311 0.20 -21.73 31.92
C ASN B 311 1.23 -22.32 32.87
N MET B 312 2.44 -22.61 32.39
CA MET B 312 3.46 -23.24 33.24
C MET B 312 4.48 -22.26 33.82
N LEU B 313 4.45 -20.99 33.43
CA LEU B 313 5.40 -20.02 33.97
C LEU B 313 5.05 -19.60 35.40
C10 GE5 C . 4.05 24.11 0.29
C15 GE5 C . 1.90 20.39 -1.77
C17 GE5 C . 0.82 20.03 -3.85
C21 GE5 C . 0.68 20.37 -5.33
C22 GE5 C . -0.47 20.18 -6.17
C24 GE5 C . 1.20 21.08 -7.62
C28 GE5 C . 3.53 22.45 -10.11
C01 GE5 C . 4.88 24.04 5.45
C03 GE5 C . 5.68 25.31 3.55
C04 GE5 C . 6.56 26.26 3.06
C05 GE5 C . 6.61 26.53 1.70
C06 GE5 C . 5.81 25.82 0.81
C08 GE5 C . 6.04 27.42 -0.94
C09 GE5 C . 4.94 24.86 1.29
C11 GE5 C . 4.60 22.78 -0.22
C12 GE5 C . 3.70 22.16 -1.31
C16 GE5 C . 1.74 20.73 -3.10
C18 GE5 C . 0.12 18.99 -3.27
C19 GE5 C . 0.32 18.71 -1.94
C29 GE5 C . 4.84 22.93 -10.16
C30 GE5 C . 5.37 23.36 -11.37
C31 GE5 C . 4.62 23.30 -12.54
C32 GE5 C . 3.32 22.81 -12.48
C33 GE5 C . 2.79 22.38 -11.27
C34 GE5 C . -1.86 19.69 -5.80
C35 GE5 C . -2.54 18.78 -6.55
C36 GE5 C . -3.81 18.39 -6.21
C37 GE5 C . -4.45 18.98 -5.13
C39 GE5 C . -3.79 19.93 -4.38
C40 GE5 C . -2.50 20.30 -4.72
C41 GE5 C . 4.87 24.61 2.65
F38 GE5 C . -5.71 18.63 -4.78
N14 GE5 C . 2.81 21.08 -0.91
N20 GE5 C . 1.21 19.40 -1.24
N23 GE5 C . -0.13 20.64 -7.52
N26 GE5 C . 1.81 21.58 -8.83
N27 GE5 C . 2.96 21.97 -8.85
O02 GE5 C . 5.67 25.09 4.94
O07 GE5 C . 5.87 26.08 -0.56
O13 GE5 C . 3.72 22.56 -2.42
S25 GE5 C . 1.93 20.96 -6.18
H101 GE5 C . 3.89 24.68 -0.47
H102 GE5 C . 3.19 23.93 0.72
H011 GE5 C . 4.74 24.16 6.39
H012 GE5 C . 5.33 23.19 5.30
H013 GE5 C . 4.02 24.03 4.99
H041 GE5 C . 7.10 26.74 3.65
H051 GE5 C . 7.21 27.18 1.38
H082 GE5 C . 5.61 27.57 -1.80
H081 GE5 C . 6.99 27.62 -1.01
H083 GE5 C . 5.65 28.00 -0.27
H111 GE5 C . 4.66 22.16 0.53
H112 GE5 C . 5.48 22.92 -0.59
H161 GE5 C . 2.23 21.42 -3.49
H181 GE5 C . -0.49 18.49 -3.77
H191 GE5 C . -0.15 18.02 -1.53
H291 GE5 C . 5.35 22.97 -9.39
H301 GE5 C . 6.24 23.69 -11.41
H311 GE5 C . 4.97 23.58 -13.34
H321 GE5 C . 2.81 22.76 -13.26
H331 GE5 C . 1.92 22.05 -11.24
H351 GE5 C . -2.12 18.37 -7.28
H361 GE5 C . -4.26 17.75 -6.72
H391 GE5 C . -4.21 20.32 -3.66
H401 GE5 C . -2.05 20.95 -4.22
H411 GE5 C . 4.28 23.96 2.98
H141 GE5 C . 2.84 20.84 -0.09
C1 MLA D . 12.62 24.67 -21.28
O1A MLA D . 13.31 23.63 -21.37
O1B MLA D . 12.28 25.13 -20.15
C2 MLA D . 12.22 25.40 -22.55
C3 MLA D . 13.49 25.92 -23.18
O3A MLA D . 14.47 26.19 -22.46
O3B MLA D . 13.56 26.07 -24.43
HC21 MLA D . 11.63 26.13 -22.34
HC22 MLA D . 11.78 24.78 -23.15
C10 GE5 E . -5.78 -7.11 27.62
C15 GE5 E . -9.49 -7.28 24.32
C17 GE5 E . -9.66 -6.32 22.17
C21 GE5 E . -9.03 -5.64 20.95
C22 GE5 E . -9.68 -4.89 19.94
C24 GE5 E . -7.38 -4.93 19.27
C28 GE5 E . -3.91 -4.87 18.02
C01 GE5 E . -0.82 -8.12 28.71
C03 GE5 E . -2.98 -8.92 29.37
C04 GE5 E . -3.62 -9.41 30.50
C05 GE5 E . -4.98 -9.14 30.73
C06 GE5 E . -5.69 -8.40 29.80
C08 GE5 E . -7.81 -9.09 30.61
C09 GE5 E . -5.04 -7.92 28.67
C11 GE5 E . -6.86 -7.98 27.03
C12 GE5 E . -7.37 -7.44 25.72
C16 GE5 E . -8.88 -6.63 23.26
C18 GE5 E . -10.99 -6.71 22.17
C19 GE5 E . -11.52 -7.36 23.26
C29 GE5 E . -2.69 -5.37 18.43
C30 GE5 E . -1.55 -5.08 17.64
C31 GE5 E . -1.64 -4.29 16.52
C32 GE5 E . -2.86 -3.77 16.12
C33 GE5 E . -3.98 -4.06 16.88
C34 GE5 E . -11.16 -4.47 19.87
C35 GE5 E . -11.76 -3.85 20.96
C36 GE5 E . -13.09 -3.45 20.93
C37 GE5 E . -13.84 -3.67 19.79
C39 GE5 E . -13.24 -4.29 18.69
C40 GE5 E . -11.92 -4.68 18.73
C41 GE5 E . -3.71 -8.19 28.44
F38 GE5 E . -15.14 -3.28 19.72
N14 GE5 E . -8.76 -7.66 25.49
N20 GE5 E . -10.75 -7.63 24.30
N23 GE5 E . -8.66 -4.47 18.94
N26 GE5 E . -6.18 -4.68 18.48
N27 GE5 E . -5.10 -5.14 18.81
O02 GE5 E . -1.63 -9.19 29.14
O07 GE5 E . -7.04 -8.10 29.98
O13 GE5 E . -6.64 -6.85 24.98
S25 GE5 E . -7.45 -5.79 20.65
H101 GE5 E . -5.16 -6.84 26.93
H102 GE5 E . -6.18 -6.33 28.03
H011 GE5 E . 0.00 -8.45 28.33
H012 GE5 E . -0.62 -7.54 29.45
H013 GE5 E . -1.31 -7.60 28.03
H041 GE5 E . -3.14 -9.90 31.12
H051 GE5 E . -5.39 -9.46 31.49
H082 GE5 E . -7.44 -9.97 30.42
H081 GE5 E . -7.80 -8.94 31.58
H083 GE5 E . -8.73 -9.05 30.30
H111 GE5 E . -7.60 -8.04 27.65
H112 GE5 E . -6.50 -8.88 26.88
H161 GE5 E . -7.97 -6.41 23.28
H181 GE5 E . -11.53 -6.51 21.44
H191 GE5 E . -12.42 -7.60 23.27
H291 GE5 E . -2.62 -5.90 19.18
H301 GE5 E . -0.72 -5.43 17.90
H311 GE5 E . -0.88 -4.11 16.01
H321 GE5 E . -2.92 -3.24 15.37
H331 GE5 E . -4.79 -3.71 16.62
H351 GE5 E . -11.26 -3.70 21.73
H361 GE5 E . -13.49 -3.05 21.67
H391 GE5 E . -13.75 -4.42 17.92
H401 GE5 E . -11.54 -5.08 17.99
H411 GE5 E . -3.29 -7.87 27.68
H141 GE5 E . -9.19 -8.11 26.10
C1 MLA F . 10.44 -5.91 9.20
O1A MLA F . 10.89 -5.62 8.06
O1B MLA F . 11.14 -6.59 10.01
C2 MLA F . 9.05 -5.43 9.60
C3 MLA F . 8.14 -6.53 10.11
O3A MLA F . 7.32 -6.28 11.04
O3B MLA F . 8.18 -7.69 9.60
HC21 MLA F . 9.14 -4.76 10.30
HC22 MLA F . 8.64 -5.01 8.83
#